data_1JAD
#
_entry.id   1JAD
#
_cell.length_a   39.111
_cell.length_b   51.928
_cell.length_c   79.350
_cell.angle_alpha   101.07
_cell.angle_beta   96.96
_cell.angle_gamma   100.70
#
_symmetry.space_group_name_H-M   'P 1'
#
loop_
_entity.id
_entity.type
_entity.pdbx_description
1 polymer 'phospholipase C beta'
2 non-polymer 'SULFATE ION'
3 water water
#
_entity_poly.entity_id   1
_entity_poly.type   'polypeptide(L)'
_entity_poly.pdbx_seq_one_letter_code
;GA(MSE)DGN(MSE)KEVTQLPEPQTASLAELQQ(MSE)KLFLKLLKKQEKELKELERKGSKRREELLQKYSVLFLEPVY
PRGLDSQVVELKERLE(MSE)ELIHLGEEYHDGIRRRKEQHATEQTAKITELAREKQIAELKALKESSESNIKDIKKKLE
AKRLDRIQV(MSE)(MSE)RSTSDKAAQERLKKEINNSHIQEVVQTIKLLTEKTARYQQKLEEKQAENLRAIQEKEGQLQ
QEAVAEYEEKLKTLTVEVQE(MSE)VKNY(MSE)KEVFPDGPE
;
_entity_poly.pdbx_strand_id   A,B
#
loop_
_chem_comp.id
_chem_comp.type
_chem_comp.name
_chem_comp.formula
SO4 non-polymer 'SULFATE ION' 'O4 S -2'
#
# COMPACT_ATOMS: atom_id res chain seq x y z
N ASN A 6 -23.72 -28.57 -7.39
CA ASN A 6 -23.90 -29.02 -5.97
C ASN A 6 -23.43 -27.94 -4.99
N MSE A 7 -22.13 -27.63 -5.04
CA MSE A 7 -21.52 -26.62 -4.16
C MSE A 7 -20.91 -25.47 -4.97
O MSE A 7 -21.10 -24.30 -4.64
CB MSE A 7 -20.42 -27.25 -3.32
CG MSE A 7 -20.87 -28.19 -2.20
SE MSE A 7 -21.62 -27.35 -0.76
CE MSE A 7 -23.22 -26.82 -1.43
N LYS A 8 -20.17 -25.83 -6.01
CA LYS A 8 -19.50 -24.84 -6.86
C LYS A 8 -20.46 -23.85 -7.53
N GLU A 9 -21.75 -24.16 -7.45
CA GLU A 9 -22.76 -23.28 -8.03
C GLU A 9 -23.10 -22.17 -7.04
N VAL A 10 -23.15 -22.54 -5.76
CA VAL A 10 -23.49 -21.60 -4.71
C VAL A 10 -22.33 -21.01 -3.90
N THR A 11 -21.10 -21.41 -4.23
CA THR A 11 -19.92 -20.88 -3.54
C THR A 11 -18.95 -20.26 -4.54
N GLN A 12 -19.47 -19.75 -5.65
CA GLN A 12 -18.60 -19.18 -6.67
C GLN A 12 -18.16 -17.75 -6.37
N LEU A 13 -16.85 -17.52 -6.42
CA LEU A 13 -16.27 -16.22 -6.15
C LEU A 13 -15.38 -15.73 -7.29
N PRO A 14 -15.17 -14.41 -7.41
CA PRO A 14 -14.35 -13.81 -8.46
C PRO A 14 -12.89 -14.20 -8.29
N GLU A 15 -12.38 -14.97 -9.25
CA GLU A 15 -10.98 -15.40 -9.19
C GLU A 15 -10.00 -14.23 -9.06
N PRO A 16 -9.09 -14.31 -8.08
CA PRO A 16 -8.06 -13.30 -7.79
C PRO A 16 -7.28 -12.76 -8.97
N GLN A 17 -7.36 -11.45 -9.19
CA GLN A 17 -6.64 -10.82 -10.28
C GLN A 17 -6.52 -9.30 -10.12
N THR A 18 -5.30 -8.80 -10.27
CA THR A 18 -5.02 -7.36 -10.18
C THR A 18 -4.26 -6.93 -11.41
N ALA A 19 -4.53 -5.72 -11.88
CA ALA A 19 -3.86 -5.19 -13.05
C ALA A 19 -2.36 -5.42 -12.91
N SER A 20 -1.70 -5.66 -14.04
CA SER A 20 -0.27 -5.88 -14.02
C SER A 20 0.46 -4.54 -14.13
N LEU A 21 1.77 -4.56 -13.95
CA LEU A 21 2.55 -3.35 -14.03
C LEU A 21 2.38 -2.80 -15.45
N ALA A 22 2.14 -3.71 -16.39
CA ALA A 22 1.97 -3.36 -17.80
C ALA A 22 0.69 -2.57 -18.04
N GLU A 23 -0.40 -3.03 -17.44
CA GLU A 23 -1.69 -2.36 -17.59
C GLU A 23 -1.64 -0.95 -17.00
N LEU A 24 -0.98 -0.81 -15.85
CA LEU A 24 -0.85 0.45 -15.14
C LEU A 24 0.05 1.48 -15.81
N GLN A 25 1.10 1.02 -16.49
CA GLN A 25 2.05 1.90 -17.16
C GLN A 25 1.47 2.48 -18.44
N GLN A 26 0.19 2.18 -18.71
CA GLN A 26 -0.45 2.67 -19.91
C GLN A 26 -1.62 3.61 -19.63
N MSE A 27 -2.06 3.67 -18.39
CA MSE A 27 -3.17 4.55 -18.02
C MSE A 27 -2.82 6.00 -18.35
O MSE A 27 -1.65 6.38 -18.33
CB MSE A 27 -3.51 4.38 -16.54
CG MSE A 27 -3.90 2.96 -16.14
SE MSE A 27 -4.46 2.74 -14.42
CE MSE A 27 -5.96 3.75 -14.40
N LYS A 28 -3.84 6.81 -18.65
CA LYS A 28 -3.65 8.23 -18.99
C LYS A 28 -2.75 8.98 -18.01
N LEU A 29 -3.23 9.18 -16.79
CA LEU A 29 -2.47 9.89 -15.77
C LEU A 29 -1.00 9.49 -15.68
N PHE A 30 -0.71 8.18 -15.75
CA PHE A 30 0.67 7.75 -15.66
C PHE A 30 1.46 8.25 -16.86
N LEU A 31 0.92 8.05 -18.06
CA LEU A 31 1.63 8.51 -19.23
C LEU A 31 1.80 10.03 -19.28
N LYS A 32 0.85 10.79 -18.75
CA LYS A 32 1.00 12.24 -18.79
C LYS A 32 2.18 12.61 -17.90
N LEU A 33 2.28 11.97 -16.74
CA LEU A 33 3.39 12.24 -15.83
C LEU A 33 4.72 11.99 -16.55
N LEU A 34 4.81 10.86 -17.24
CA LEU A 34 6.03 10.54 -17.96
C LEU A 34 6.35 11.67 -18.92
N LYS A 35 5.31 12.22 -19.55
CA LYS A 35 5.49 13.32 -20.48
C LYS A 35 5.96 14.56 -19.75
N LYS A 36 5.38 14.84 -18.59
CA LYS A 36 5.79 16.01 -17.83
C LYS A 36 7.24 15.88 -17.41
N GLN A 37 7.56 14.75 -16.80
CA GLN A 37 8.92 14.49 -16.34
C GLN A 37 9.92 14.65 -17.47
N GLU A 38 9.53 14.31 -18.69
CA GLU A 38 10.46 14.44 -19.81
C GLU A 38 10.60 15.90 -20.23
N LYS A 39 9.62 16.71 -19.87
CA LYS A 39 9.67 18.13 -20.18
C LYS A 39 10.70 18.74 -19.24
N GLU A 40 10.64 18.32 -17.98
CA GLU A 40 11.57 18.80 -16.96
C GLU A 40 13.02 18.48 -17.31
N LEU A 41 13.26 17.34 -17.94
CA LEU A 41 14.62 16.97 -18.32
C LEU A 41 15.20 17.86 -19.42
N LYS A 42 14.33 18.34 -20.33
CA LYS A 42 14.79 19.20 -21.41
C LYS A 42 15.04 20.62 -20.92
N GLU A 43 14.27 21.04 -19.92
CA GLU A 43 14.42 22.36 -19.33
C GLU A 43 15.76 22.43 -18.61
N LEU A 44 16.09 21.37 -17.88
CA LEU A 44 17.36 21.28 -17.16
C LEU A 44 18.49 21.35 -18.19
N GLU A 45 18.27 20.71 -19.33
CA GLU A 45 19.26 20.69 -20.39
C GLU A 45 19.43 22.09 -20.98
N ARG A 46 18.35 22.88 -20.99
CA ARG A 46 18.43 24.23 -21.52
C ARG A 46 19.26 25.04 -20.53
N LYS A 47 18.83 25.05 -19.28
CA LYS A 47 19.55 25.78 -18.25
C LYS A 47 21.01 25.29 -18.20
N GLY A 48 21.22 24.03 -18.56
CA GLY A 48 22.57 23.51 -18.57
C GLY A 48 23.41 24.11 -19.68
N SER A 49 22.82 24.23 -20.87
CA SER A 49 23.53 24.80 -22.00
C SER A 49 23.69 26.31 -21.87
N LYS A 50 22.61 27.01 -21.54
CA LYS A 50 22.68 28.47 -21.37
C LYS A 50 23.81 28.80 -20.41
N ARG A 51 23.86 28.09 -19.29
CA ARG A 51 24.89 28.32 -18.30
C ARG A 51 26.29 28.07 -18.84
N ARG A 52 26.46 27.09 -19.71
CA ARG A 52 27.78 26.82 -20.26
C ARG A 52 28.17 27.92 -21.27
N GLU A 53 27.20 28.31 -22.09
CA GLU A 53 27.39 29.35 -23.08
C GLU A 53 27.74 30.63 -22.33
N GLU A 54 26.95 30.89 -21.30
CA GLU A 54 27.10 32.06 -20.46
C GLU A 54 28.46 32.10 -19.76
N LEU A 55 29.08 30.93 -19.62
CA LEU A 55 30.38 30.82 -18.98
C LEU A 55 31.49 31.12 -19.99
N LEU A 56 31.26 30.79 -21.25
CA LEU A 56 32.26 31.04 -22.28
C LEU A 56 32.24 32.54 -22.60
N GLN A 57 31.05 33.12 -22.64
CA GLN A 57 30.93 34.55 -22.90
C GLN A 57 31.79 35.31 -21.91
N LYS A 58 31.73 34.91 -20.65
CA LYS A 58 32.51 35.55 -19.59
C LYS A 58 33.99 35.51 -19.91
N TYR A 59 34.46 34.39 -20.47
CA TYR A 59 35.87 34.28 -20.82
C TYR A 59 36.22 34.91 -22.16
N SER A 60 35.22 35.53 -22.79
CA SER A 60 35.44 36.21 -24.06
C SER A 60 36.04 37.55 -23.63
N VAL A 61 35.36 38.16 -22.66
CA VAL A 61 35.76 39.43 -22.10
C VAL A 61 37.12 39.31 -21.43
N LEU A 62 37.24 38.37 -20.49
CA LEU A 62 38.49 38.15 -19.76
C LEU A 62 39.68 37.94 -20.69
N PHE A 63 39.53 37.07 -21.67
CA PHE A 63 40.58 36.77 -22.62
C PHE A 63 41.03 37.96 -23.48
N LEU A 64 40.08 38.59 -24.16
CA LEU A 64 40.41 39.73 -25.02
C LEU A 64 40.60 41.05 -24.29
N GLU A 65 40.63 40.99 -22.96
CA GLU A 65 40.82 42.19 -22.16
C GLU A 65 42.30 42.59 -22.19
N PRO A 66 42.59 43.87 -22.48
CA PRO A 66 43.99 44.30 -22.53
C PRO A 66 44.61 44.06 -21.18
N VAL A 67 45.88 43.70 -21.17
CA VAL A 67 46.56 43.42 -19.91
C VAL A 67 47.69 44.40 -19.63
N TYR A 68 47.77 44.84 -18.37
CA TYR A 68 48.84 45.72 -17.94
C TYR A 68 49.78 44.82 -17.18
N PRO A 69 50.89 44.44 -17.83
CA PRO A 69 51.91 43.57 -17.26
C PRO A 69 52.36 43.94 -15.87
N ARG A 70 52.15 43.02 -14.92
CA ARG A 70 52.58 43.25 -13.54
C ARG A 70 53.63 42.18 -13.25
N GLY A 71 53.76 41.24 -14.19
CA GLY A 71 54.72 40.16 -14.07
C GLY A 71 55.14 39.64 -15.43
N LEU A 72 55.67 38.43 -15.49
CA LEU A 72 56.11 37.84 -16.75
C LEU A 72 55.29 36.66 -17.23
N ASP A 73 55.06 35.68 -16.36
CA ASP A 73 54.28 34.50 -16.74
C ASP A 73 53.08 34.89 -17.59
N SER A 74 52.70 34.03 -18.53
CA SER A 74 51.57 34.31 -19.40
C SER A 74 50.25 34.26 -18.64
N GLN A 75 49.43 35.29 -18.84
CA GLN A 75 48.14 35.40 -18.18
C GLN A 75 47.00 34.75 -18.98
N VAL A 76 47.32 34.22 -20.15
CA VAL A 76 46.32 33.56 -20.98
C VAL A 76 46.10 32.15 -20.44
N VAL A 77 47.20 31.51 -20.04
CA VAL A 77 47.13 30.17 -19.48
C VAL A 77 46.41 30.24 -18.14
N GLU A 78 46.74 31.29 -17.38
CA GLU A 78 46.14 31.52 -16.07
C GLU A 78 44.63 31.43 -16.18
N LEU A 79 44.10 31.88 -17.32
CA LEU A 79 42.67 31.85 -17.57
C LEU A 79 42.21 30.57 -18.25
N LYS A 80 43.05 30.07 -19.15
CA LYS A 80 42.73 28.84 -19.87
C LYS A 80 42.44 27.72 -18.90
N GLU A 81 43.34 27.49 -17.96
CA GLU A 81 43.14 26.44 -16.97
C GLU A 81 41.95 26.75 -16.07
N ARG A 82 41.82 28.03 -15.71
CA ARG A 82 40.74 28.48 -14.84
C ARG A 82 39.39 28.22 -15.51
N LEU A 83 39.36 28.35 -16.83
CA LEU A 83 38.16 28.11 -17.63
C LEU A 83 37.81 26.64 -17.55
N GLU A 84 38.82 25.81 -17.77
CA GLU A 84 38.66 24.36 -17.73
C GLU A 84 38.06 23.87 -16.43
N MSE A 85 38.48 24.45 -15.32
CA MSE A 85 37.98 24.03 -14.02
C MSE A 85 36.55 24.51 -13.74
O MSE A 85 35.80 23.84 -13.03
CB MSE A 85 38.93 24.50 -12.90
CG MSE A 85 38.72 23.76 -11.57
SE MSE A 85 38.88 21.91 -11.71
CE MSE A 85 40.57 21.75 -12.46
N GLU A 86 36.17 25.67 -14.27
CA GLU A 86 34.81 26.15 -14.06
C GLU A 86 33.85 25.35 -14.93
N LEU A 87 34.35 24.80 -16.03
CA LEU A 87 33.53 23.96 -16.89
C LEU A 87 33.42 22.61 -16.20
N ILE A 88 34.53 22.11 -15.67
CA ILE A 88 34.49 20.83 -14.97
C ILE A 88 33.46 20.92 -13.84
N HIS A 89 33.60 21.93 -12.98
CA HIS A 89 32.65 22.11 -11.89
C HIS A 89 31.23 22.22 -12.40
N LEU A 90 31.05 22.96 -13.49
CA LEU A 90 29.72 23.10 -14.07
C LEU A 90 29.20 21.72 -14.47
N GLY A 91 30.10 20.89 -15.00
CA GLY A 91 29.70 19.56 -15.43
C GLY A 91 29.29 18.74 -14.22
N GLU A 92 30.08 18.83 -13.15
CA GLU A 92 29.81 18.09 -11.92
C GLU A 92 28.43 18.38 -11.33
N GLU A 93 28.06 19.65 -11.22
CA GLU A 93 26.78 20.00 -10.65
C GLU A 93 25.65 19.68 -11.64
N TYR A 94 25.93 19.86 -12.93
CA TYR A 94 24.94 19.59 -13.97
C TYR A 94 24.47 18.14 -14.03
N HIS A 95 25.43 17.22 -14.14
CA HIS A 95 25.09 15.81 -14.22
C HIS A 95 24.51 15.33 -12.91
N ASP A 96 25.10 15.75 -11.79
CA ASP A 96 24.60 15.37 -10.48
C ASP A 96 23.13 15.78 -10.40
N GLY A 97 22.83 16.95 -10.96
CA GLY A 97 21.48 17.45 -10.98
C GLY A 97 20.54 16.57 -11.80
N ILE A 98 21.02 16.08 -12.94
CA ILE A 98 20.23 15.20 -13.78
C ILE A 98 19.98 13.93 -12.98
N ARG A 99 21.01 13.47 -12.29
CA ARG A 99 20.89 12.27 -11.47
C ARG A 99 19.78 12.45 -10.44
N ARG A 100 19.87 13.51 -9.66
CA ARG A 100 18.88 13.80 -8.63
C ARG A 100 17.47 13.96 -9.18
N ARG A 101 17.34 14.57 -10.36
CA ARG A 101 16.01 14.74 -10.93
C ARG A 101 15.50 13.39 -11.42
N LYS A 102 16.36 12.63 -12.11
CA LYS A 102 15.96 11.31 -12.61
C LYS A 102 15.37 10.52 -11.44
N GLU A 103 16.17 10.30 -10.40
CA GLU A 103 15.72 9.57 -9.24
C GLU A 103 14.44 10.17 -8.66
N GLN A 104 14.30 11.48 -8.75
CA GLN A 104 13.12 12.16 -8.24
C GLN A 104 11.94 11.69 -9.10
N HIS A 105 12.18 11.52 -10.40
CA HIS A 105 11.13 11.04 -11.30
C HIS A 105 10.77 9.60 -10.93
N ALA A 106 11.78 8.83 -10.51
CA ALA A 106 11.55 7.46 -10.10
C ALA A 106 10.59 7.43 -8.90
N THR A 107 10.83 8.31 -7.93
CA THR A 107 9.96 8.36 -6.75
C THR A 107 8.55 8.87 -7.13
N GLU A 108 8.45 9.60 -8.23
CA GLU A 108 7.16 10.14 -8.66
C GLU A 108 6.32 9.10 -9.34
N GLN A 109 6.95 8.23 -10.13
CA GLN A 109 6.23 7.19 -10.84
C GLN A 109 5.67 6.19 -9.83
N THR A 110 6.50 5.79 -8.87
CA THR A 110 6.06 4.85 -7.86
C THR A 110 4.83 5.40 -7.14
N ALA A 111 4.93 6.65 -6.69
CA ALA A 111 3.82 7.28 -5.99
C ALA A 111 2.56 7.23 -6.83
N LYS A 112 2.71 7.60 -8.10
CA LYS A 112 1.58 7.62 -9.02
C LYS A 112 1.01 6.21 -9.21
N ILE A 113 1.82 5.31 -9.77
CA ILE A 113 1.34 3.96 -9.98
C ILE A 113 0.83 3.31 -8.71
N THR A 114 1.49 3.56 -7.58
CA THR A 114 1.01 2.98 -6.35
C THR A 114 -0.40 3.50 -6.08
N GLU A 115 -0.66 4.71 -6.55
CA GLU A 115 -1.97 5.33 -6.40
C GLU A 115 -2.98 4.51 -7.19
N LEU A 116 -2.84 4.51 -8.51
CA LEU A 116 -3.74 3.79 -9.41
C LEU A 116 -3.98 2.36 -8.91
N ALA A 117 -2.90 1.62 -8.69
CA ALA A 117 -2.99 0.25 -8.20
C ALA A 117 -3.86 0.21 -6.95
N ARG A 118 -3.48 0.99 -5.94
CA ARG A 118 -4.23 1.07 -4.70
C ARG A 118 -5.73 1.15 -4.90
N GLU A 119 -6.16 2.02 -5.82
CA GLU A 119 -7.59 2.20 -6.05
C GLU A 119 -8.27 0.95 -6.59
N LYS A 120 -7.64 0.32 -7.58
CA LYS A 120 -8.19 -0.88 -8.17
C LYS A 120 -8.20 -2.02 -7.16
N GLN A 121 -7.08 -2.18 -6.46
CA GLN A 121 -6.96 -3.24 -5.47
C GLN A 121 -8.03 -3.15 -4.38
N ILE A 122 -8.44 -1.93 -4.06
CA ILE A 122 -9.48 -1.74 -3.07
C ILE A 122 -10.80 -2.21 -3.67
N ALA A 123 -11.01 -1.86 -4.94
CA ALA A 123 -12.24 -2.25 -5.62
C ALA A 123 -12.33 -3.76 -5.78
N GLU A 124 -11.19 -4.41 -5.99
CA GLU A 124 -11.15 -5.86 -6.14
C GLU A 124 -11.59 -6.47 -4.83
N LEU A 125 -10.90 -6.11 -3.75
CA LEU A 125 -11.21 -6.62 -2.43
C LEU A 125 -12.67 -6.37 -2.10
N LYS A 126 -13.18 -5.25 -2.59
CA LYS A 126 -14.57 -4.92 -2.30
C LYS A 126 -15.48 -5.83 -3.11
N ALA A 127 -15.11 -6.08 -4.35
CA ALA A 127 -15.93 -6.94 -5.20
C ALA A 127 -15.99 -8.37 -4.65
N LEU A 128 -14.86 -8.88 -4.16
CA LEU A 128 -14.81 -10.23 -3.62
C LEU A 128 -15.75 -10.33 -2.42
N LYS A 129 -15.61 -9.39 -1.48
CA LYS A 129 -16.44 -9.36 -0.29
C LYS A 129 -17.95 -9.25 -0.56
N GLU A 130 -18.35 -8.38 -1.49
CA GLU A 130 -19.77 -8.25 -1.77
C GLU A 130 -20.28 -9.53 -2.40
N SER A 131 -19.47 -10.10 -3.30
CA SER A 131 -19.81 -11.34 -3.96
C SER A 131 -20.06 -12.44 -2.93
N SER A 132 -19.08 -12.63 -2.04
CA SER A 132 -19.17 -13.61 -0.98
C SER A 132 -20.48 -13.47 -0.21
N GLU A 133 -20.69 -12.29 0.35
CA GLU A 133 -21.91 -12.03 1.14
C GLU A 133 -23.15 -12.22 0.29
N SER A 134 -23.03 -11.95 -1.00
CA SER A 134 -24.17 -12.11 -1.89
C SER A 134 -24.51 -13.60 -1.98
N ASN A 135 -23.49 -14.46 -1.99
CA ASN A 135 -23.75 -15.91 -2.04
C ASN A 135 -24.45 -16.31 -0.77
N ILE A 136 -23.96 -15.82 0.36
CA ILE A 136 -24.56 -16.11 1.65
C ILE A 136 -26.03 -15.77 1.68
N LYS A 137 -26.39 -14.64 1.07
CA LYS A 137 -27.78 -14.22 1.08
C LYS A 137 -28.65 -15.20 0.28
N ASP A 138 -28.22 -15.51 -0.94
CA ASP A 138 -28.98 -16.42 -1.78
C ASP A 138 -28.94 -17.88 -1.28
N ILE A 139 -27.90 -18.22 -0.53
CA ILE A 139 -27.81 -19.55 0.04
C ILE A 139 -28.92 -19.66 1.08
N LYS A 140 -29.07 -18.63 1.90
CA LYS A 140 -30.09 -18.63 2.93
C LYS A 140 -31.49 -18.65 2.33
N LYS A 141 -31.63 -18.04 1.15
CA LYS A 141 -32.93 -18.02 0.50
C LYS A 141 -33.30 -19.41 -0.03
N LYS A 142 -32.36 -20.07 -0.70
CA LYS A 142 -32.61 -21.41 -1.23
C LYS A 142 -32.84 -22.39 -0.09
N LEU A 143 -31.92 -22.42 0.85
CA LEU A 143 -32.04 -23.33 1.97
C LEU A 143 -33.35 -23.24 2.68
N GLU A 144 -33.82 -22.01 2.88
CA GLU A 144 -35.07 -21.81 3.59
C GLU A 144 -36.26 -22.13 2.71
N ALA A 145 -36.07 -22.01 1.40
CA ALA A 145 -37.12 -22.34 0.44
C ALA A 145 -37.31 -23.85 0.46
N LYS A 146 -36.18 -24.57 0.48
CA LYS A 146 -36.18 -26.03 0.52
C LYS A 146 -36.89 -26.48 1.80
N ARG A 147 -36.56 -25.81 2.90
CA ARG A 147 -37.15 -26.12 4.19
C ARG A 147 -38.67 -26.08 4.09
N LEU A 148 -39.22 -24.96 3.63
CA LEU A 148 -40.67 -24.84 3.50
C LEU A 148 -41.25 -25.99 2.68
N ASP A 149 -40.61 -26.27 1.54
CA ASP A 149 -41.07 -27.33 0.65
C ASP A 149 -40.99 -28.72 1.29
N ARG A 150 -39.91 -29.01 2.01
CA ARG A 150 -39.80 -30.30 2.66
C ARG A 150 -40.94 -30.46 3.65
N ILE A 151 -41.27 -29.39 4.38
CA ILE A 151 -42.36 -29.45 5.34
C ILE A 151 -43.67 -29.71 4.59
N GLN A 152 -43.94 -28.90 3.58
CA GLN A 152 -45.17 -29.03 2.78
C GLN A 152 -45.35 -30.49 2.33
N VAL A 153 -44.41 -30.99 1.53
CA VAL A 153 -44.47 -32.37 1.05
C VAL A 153 -44.70 -33.35 2.22
N MSE A 154 -44.07 -33.09 3.35
CA MSE A 154 -44.20 -33.97 4.51
C MSE A 154 -45.62 -34.01 5.07
O MSE A 154 -46.23 -35.08 5.12
CB MSE A 154 -43.18 -33.54 5.59
CG MSE A 154 -43.10 -34.47 6.81
SE MSE A 154 -44.40 -34.23 8.06
CE MSE A 154 -43.76 -32.77 8.91
N MSE A 155 -46.14 -32.86 5.48
CA MSE A 155 -47.48 -32.76 6.04
C MSE A 155 -48.57 -33.51 5.27
O MSE A 155 -49.47 -34.08 5.87
CB MSE A 155 -47.90 -31.29 6.19
CG MSE A 155 -47.09 -30.48 7.20
SE MSE A 155 -47.36 -30.95 8.94
CE MSE A 155 -49.10 -30.49 9.17
N ARG A 156 -48.49 -33.52 3.94
CA ARG A 156 -49.52 -34.20 3.17
C ARG A 156 -49.31 -35.70 2.97
N SER A 157 -48.20 -36.24 3.44
CA SER A 157 -47.95 -37.68 3.30
C SER A 157 -48.01 -38.32 4.70
N THR A 158 -48.14 -37.48 5.72
CA THR A 158 -48.22 -37.95 7.09
C THR A 158 -49.32 -37.18 7.79
N SER A 159 -50.37 -37.89 8.20
CA SER A 159 -51.49 -37.25 8.86
C SER A 159 -51.57 -37.60 10.35
N ASP A 160 -50.42 -37.59 11.01
CA ASP A 160 -50.36 -37.89 12.44
C ASP A 160 -49.46 -36.90 13.16
N LYS A 161 -50.06 -36.06 14.00
CA LYS A 161 -49.31 -35.04 14.74
C LYS A 161 -47.92 -35.47 15.24
N ALA A 162 -47.88 -36.15 16.37
CA ALA A 162 -46.61 -36.60 16.95
C ALA A 162 -45.58 -36.94 15.88
N ALA A 163 -46.05 -37.54 14.78
CA ALA A 163 -45.16 -37.91 13.68
C ALA A 163 -44.61 -36.70 12.94
N GLN A 164 -45.52 -35.90 12.38
CA GLN A 164 -45.11 -34.71 11.64
C GLN A 164 -44.32 -33.70 12.47
N GLU A 165 -44.48 -33.75 13.79
CA GLU A 165 -43.76 -32.83 14.66
C GLU A 165 -42.32 -33.26 14.69
N ARG A 166 -42.11 -34.57 14.78
CA ARG A 166 -40.77 -35.16 14.79
C ARG A 166 -40.08 -34.81 13.48
N LEU A 167 -40.81 -35.01 12.38
CA LEU A 167 -40.28 -34.71 11.06
C LEU A 167 -39.98 -33.21 10.89
N LYS A 168 -40.84 -32.35 11.45
CA LYS A 168 -40.61 -30.92 11.37
C LYS A 168 -39.31 -30.60 12.10
N LYS A 169 -39.18 -31.11 13.32
CA LYS A 169 -37.97 -30.87 14.08
C LYS A 169 -36.72 -31.29 13.31
N GLU A 170 -36.79 -32.44 12.65
CA GLU A 170 -35.62 -32.90 11.90
C GLU A 170 -35.36 -32.01 10.72
N ILE A 171 -36.40 -31.61 10.00
CA ILE A 171 -36.23 -30.73 8.85
C ILE A 171 -35.73 -29.36 9.33
N ASN A 172 -36.44 -28.74 10.26
CA ASN A 172 -36.02 -27.43 10.77
C ASN A 172 -34.58 -27.49 11.26
N ASN A 173 -34.27 -28.55 11.99
CA ASN A 173 -32.92 -28.76 12.53
C ASN A 173 -31.91 -28.75 11.41
N SER A 174 -32.21 -29.50 10.36
CA SER A 174 -31.35 -29.59 9.19
C SER A 174 -31.02 -28.19 8.65
N HIS A 175 -32.08 -27.43 8.38
CA HIS A 175 -31.99 -26.09 7.84
C HIS A 175 -31.02 -25.19 8.59
N ILE A 176 -31.32 -24.95 9.87
CA ILE A 176 -30.48 -24.10 10.69
C ILE A 176 -29.02 -24.51 10.60
N GLN A 177 -28.73 -25.79 10.82
CA GLN A 177 -27.34 -26.23 10.78
C GLN A 177 -26.75 -26.14 9.39
N GLU A 178 -27.55 -26.45 8.39
CA GLU A 178 -27.02 -26.37 7.05
C GLU A 178 -26.66 -24.92 6.66
N VAL A 179 -27.40 -23.91 7.17
CA VAL A 179 -27.05 -22.52 6.81
C VAL A 179 -25.75 -22.15 7.53
N VAL A 180 -25.62 -22.53 8.80
CA VAL A 180 -24.42 -22.25 9.57
C VAL A 180 -23.18 -22.89 8.94
N GLN A 181 -23.28 -24.16 8.65
CA GLN A 181 -22.16 -24.85 8.03
C GLN A 181 -21.88 -24.29 6.63
N THR A 182 -22.93 -23.95 5.89
CA THR A 182 -22.68 -23.42 4.55
C THR A 182 -22.03 -22.05 4.65
N ILE A 183 -22.49 -21.23 5.61
CA ILE A 183 -21.90 -19.91 5.78
C ILE A 183 -20.47 -20.05 6.25
N LYS A 184 -20.18 -21.13 6.94
CA LYS A 184 -18.85 -21.42 7.44
C LYS A 184 -17.94 -21.81 6.28
N LEU A 185 -18.55 -22.45 5.27
CA LEU A 185 -17.82 -22.87 4.08
C LEU A 185 -17.39 -21.71 3.16
N LEU A 186 -18.36 -20.93 2.69
CA LEU A 186 -18.04 -19.78 1.83
C LEU A 186 -17.02 -18.91 2.54
N THR A 187 -17.26 -18.71 3.82
CA THR A 187 -16.35 -17.89 4.60
C THR A 187 -14.94 -18.42 4.50
N GLU A 188 -14.78 -19.74 4.55
CA GLU A 188 -13.45 -20.32 4.43
C GLU A 188 -12.92 -20.15 3.00
N LYS A 189 -13.76 -20.37 2.00
CA LYS A 189 -13.32 -20.19 0.63
C LYS A 189 -13.03 -18.71 0.38
N THR A 190 -13.93 -17.82 0.82
CA THR A 190 -13.67 -16.38 0.63
C THR A 190 -12.33 -16.02 1.27
N ALA A 191 -12.01 -16.64 2.40
CA ALA A 191 -10.72 -16.36 3.03
C ALA A 191 -9.57 -16.81 2.11
N ARG A 192 -9.75 -17.95 1.43
CA ARG A 192 -8.69 -18.42 0.53
C ARG A 192 -8.56 -17.47 -0.66
N TYR A 193 -9.68 -17.07 -1.25
CA TYR A 193 -9.63 -16.15 -2.37
C TYR A 193 -9.04 -14.78 -1.98
N GLN A 194 -9.32 -14.31 -0.78
CA GLN A 194 -8.80 -13.01 -0.38
C GLN A 194 -7.30 -13.06 -0.15
N GLN A 195 -6.85 -14.12 0.51
CA GLN A 195 -5.45 -14.32 0.79
C GLN A 195 -4.62 -14.33 -0.50
N LYS A 196 -5.09 -15.06 -1.50
CA LYS A 196 -4.38 -15.16 -2.77
C LYS A 196 -4.38 -13.79 -3.45
N LEU A 197 -5.53 -13.12 -3.37
CA LEU A 197 -5.69 -11.80 -3.97
C LEU A 197 -4.72 -10.78 -3.39
N GLU A 198 -4.65 -10.72 -2.05
CA GLU A 198 -3.76 -9.78 -1.41
C GLU A 198 -2.33 -10.13 -1.76
N GLU A 199 -2.12 -11.41 -2.03
CA GLU A 199 -0.80 -11.90 -2.38
C GLU A 199 -0.33 -11.33 -3.72
N LYS A 200 -1.21 -11.32 -4.71
CA LYS A 200 -0.86 -10.77 -6.01
C LYS A 200 -0.53 -9.30 -5.88
N GLN A 201 -1.43 -8.56 -5.21
CA GLN A 201 -1.22 -7.16 -4.98
C GLN A 201 0.15 -6.90 -4.38
N ALA A 202 0.58 -7.74 -3.45
CA ALA A 202 1.89 -7.56 -2.83
C ALA A 202 2.97 -7.72 -3.89
N GLU A 203 2.81 -8.76 -4.70
CA GLU A 203 3.74 -9.07 -5.79
C GLU A 203 3.81 -7.92 -6.79
N ASN A 204 2.67 -7.31 -7.03
CA ASN A 204 2.58 -6.20 -7.96
C ASN A 204 3.36 -5.01 -7.40
N LEU A 205 3.11 -4.68 -6.13
CA LEU A 205 3.81 -3.58 -5.48
C LEU A 205 5.30 -3.84 -5.62
N ARG A 206 5.69 -5.07 -5.30
CA ARG A 206 7.08 -5.46 -5.37
C ARG A 206 7.63 -5.25 -6.78
N ALA A 207 6.85 -5.58 -7.81
CA ALA A 207 7.34 -5.39 -9.17
C ALA A 207 7.64 -3.89 -9.37
N ILE A 208 6.74 -3.06 -8.87
CA ILE A 208 6.84 -1.60 -8.96
C ILE A 208 8.11 -1.05 -8.33
N GLN A 209 8.38 -1.47 -7.09
CA GLN A 209 9.56 -1.01 -6.36
C GLN A 209 10.82 -1.47 -7.09
N GLU A 210 10.70 -2.61 -7.75
CA GLU A 210 11.79 -3.20 -8.51
C GLU A 210 12.06 -2.29 -9.70
N LYS A 211 10.99 -1.79 -10.32
CA LYS A 211 11.10 -0.88 -11.46
C LYS A 211 11.83 0.38 -10.99
N GLU A 212 11.33 1.00 -9.92
CA GLU A 212 11.97 2.21 -9.41
C GLU A 212 13.43 1.93 -9.14
N GLY A 213 13.72 0.77 -8.56
CA GLY A 213 15.09 0.40 -8.26
C GLY A 213 15.96 0.45 -9.50
N GLN A 214 15.43 -0.04 -10.61
CA GLN A 214 16.20 -0.05 -11.83
C GLN A 214 16.36 1.35 -12.42
N LEU A 215 15.32 2.17 -12.34
CA LEU A 215 15.41 3.53 -12.84
C LEU A 215 16.53 4.24 -12.08
N GLN A 216 16.41 4.29 -10.76
CA GLN A 216 17.41 4.94 -9.92
C GLN A 216 18.81 4.43 -10.26
N GLN A 217 18.93 3.11 -10.38
CA GLN A 217 20.18 2.46 -10.74
C GLN A 217 20.72 3.10 -12.02
N GLU A 218 19.86 3.19 -13.03
CA GLU A 218 20.22 3.79 -14.31
C GLU A 218 20.63 5.26 -14.18
N ALA A 219 19.90 6.01 -13.36
CA ALA A 219 20.19 7.42 -13.15
C ALA A 219 21.57 7.62 -12.58
N VAL A 220 22.05 6.63 -11.82
CA VAL A 220 23.37 6.72 -11.21
C VAL A 220 24.45 6.26 -12.19
N ALA A 221 24.11 5.28 -13.01
CA ALA A 221 25.05 4.71 -13.99
C ALA A 221 25.45 5.80 -14.98
N GLU A 222 24.47 6.58 -15.43
CA GLU A 222 24.72 7.65 -16.36
C GLU A 222 25.65 8.67 -15.70
N TYR A 223 25.27 9.14 -14.51
CA TYR A 223 26.08 10.10 -13.79
C TYR A 223 27.54 9.67 -13.77
N GLU A 224 27.80 8.45 -13.30
CA GLU A 224 29.16 7.94 -13.24
C GLU A 224 29.84 8.08 -14.60
N GLU A 225 29.19 7.54 -15.63
CA GLU A 225 29.73 7.58 -16.98
C GLU A 225 30.13 9.02 -17.31
N LYS A 226 29.15 9.90 -17.40
CA LYS A 226 29.36 11.31 -17.71
C LYS A 226 30.58 11.92 -17.04
N LEU A 227 30.70 11.65 -15.74
CA LEU A 227 31.80 12.19 -14.94
C LEU A 227 33.19 11.67 -15.37
N LYS A 228 33.24 10.43 -15.82
CA LYS A 228 34.51 9.82 -16.24
C LYS A 228 35.04 10.39 -17.56
N THR A 229 34.14 10.88 -18.40
CA THR A 229 34.54 11.46 -19.67
C THR A 229 34.59 12.97 -19.59
N LEU A 230 33.93 13.53 -18.57
CA LEU A 230 33.87 14.98 -18.36
C LEU A 230 35.17 15.72 -18.56
N THR A 231 36.25 15.26 -17.95
CA THR A 231 37.57 15.91 -18.07
C THR A 231 38.03 16.15 -19.50
N VAL A 232 37.77 15.19 -20.39
CA VAL A 232 38.16 15.29 -21.79
C VAL A 232 37.19 16.13 -22.62
N GLU A 233 35.89 15.90 -22.44
CA GLU A 233 34.89 16.65 -23.19
C GLU A 233 35.02 18.16 -23.00
N VAL A 234 35.73 18.57 -21.96
CA VAL A 234 35.91 19.99 -21.69
C VAL A 234 37.23 20.51 -22.23
N GLN A 235 38.32 19.81 -21.95
CA GLN A 235 39.64 20.22 -22.42
C GLN A 235 39.58 20.38 -23.94
N GLU A 236 38.80 19.52 -24.60
CA GLU A 236 38.64 19.60 -26.04
C GLU A 236 37.78 20.80 -26.42
N MSE A 237 36.57 20.86 -25.89
CA MSE A 237 35.66 21.96 -26.18
C MSE A 237 36.37 23.30 -26.00
O MSE A 237 36.05 24.29 -26.66
CB MSE A 237 34.41 21.87 -25.28
CG MSE A 237 33.33 22.92 -25.55
SE MSE A 237 33.42 24.43 -24.54
CE MSE A 237 33.03 23.76 -22.92
N VAL A 238 37.36 23.33 -25.11
CA VAL A 238 38.14 24.54 -24.85
C VAL A 238 39.11 24.75 -26.01
N LYS A 239 39.84 23.69 -26.37
CA LYS A 239 40.81 23.74 -27.46
C LYS A 239 40.12 24.39 -28.68
N ASN A 240 38.94 23.87 -29.03
CA ASN A 240 38.17 24.40 -30.15
C ASN A 240 37.86 25.87 -29.86
N TYR A 241 37.62 26.16 -28.58
CA TYR A 241 37.28 27.50 -28.13
C TYR A 241 38.46 28.47 -28.27
N MSE A 242 39.67 27.99 -28.00
CA MSE A 242 40.87 28.82 -28.10
C MSE A 242 41.25 29.11 -29.54
O MSE A 242 42.29 29.72 -29.81
CB MSE A 242 42.05 28.16 -27.38
CG MSE A 242 41.87 28.01 -25.87
SE MSE A 242 41.57 29.57 -24.99
CE MSE A 242 43.12 30.47 -25.28
N LYS A 243 40.41 28.66 -30.48
CA LYS A 243 40.66 28.91 -31.90
C LYS A 243 39.59 29.87 -32.39
N GLU A 244 38.58 30.07 -31.56
CA GLU A 244 37.47 30.95 -31.88
C GLU A 244 37.74 32.31 -31.24
N VAL A 245 38.69 32.33 -30.31
CA VAL A 245 39.04 33.55 -29.59
C VAL A 245 40.23 34.29 -30.22
N PHE A 246 41.37 33.62 -30.29
CA PHE A 246 42.57 34.25 -30.84
C PHE A 246 42.84 33.94 -32.32
N PRO A 247 43.20 32.68 -32.65
CA PRO A 247 43.47 32.32 -34.04
C PRO A 247 42.31 32.60 -35.00
N ASN B 6 34.09 2.20 1.27
CA ASN B 6 35.34 2.02 2.07
C ASN B 6 35.21 2.81 3.39
N MSE B 7 35.34 4.13 3.29
CA MSE B 7 35.23 5.00 4.47
C MSE B 7 33.82 4.83 5.04
O MSE B 7 32.82 4.99 4.33
CB MSE B 7 35.48 6.47 4.06
CG MSE B 7 35.41 7.49 5.21
SE MSE B 7 36.72 7.44 6.47
CE MSE B 7 36.38 5.87 7.32
N LYS B 8 33.75 4.50 6.33
CA LYS B 8 32.48 4.26 7.01
C LYS B 8 31.71 5.49 7.50
N GLU B 9 32.41 6.62 7.67
CA GLU B 9 31.76 7.85 8.13
C GLU B 9 31.05 8.51 6.95
N VAL B 10 31.47 8.12 5.76
CA VAL B 10 30.90 8.63 4.51
C VAL B 10 29.49 8.07 4.29
N THR B 11 29.32 6.79 4.57
CA THR B 11 28.04 6.11 4.39
C THR B 11 27.28 5.89 5.72
N GLN B 12 26.17 6.59 5.89
CA GLN B 12 25.37 6.47 7.12
C GLN B 12 24.06 5.73 6.85
N LEU B 13 23.02 6.49 6.51
CA LEU B 13 21.71 5.94 6.20
C LEU B 13 20.94 5.33 7.40
N PRO B 14 19.79 5.92 7.76
CA PRO B 14 19.01 5.40 8.88
C PRO B 14 18.68 3.91 8.72
N GLU B 15 18.60 3.22 9.86
CA GLU B 15 18.32 1.79 9.87
C GLU B 15 16.91 1.49 9.37
N PRO B 16 16.74 0.40 8.62
CA PRO B 16 15.42 0.02 8.10
C PRO B 16 14.42 -0.25 9.23
N GLN B 17 13.69 0.80 9.64
CA GLN B 17 12.71 0.69 10.71
C GLN B 17 11.32 1.16 10.27
N THR B 18 10.29 0.52 10.81
CA THR B 18 8.90 0.87 10.49
C THR B 18 8.07 0.70 11.75
N ALA B 19 7.10 1.60 11.96
CA ALA B 19 6.23 1.50 13.13
C ALA B 19 5.54 0.15 13.06
N SER B 20 5.47 -0.54 14.20
CA SER B 20 4.83 -1.86 14.26
C SER B 20 3.33 -1.71 14.49
N LEU B 21 2.61 -2.82 14.42
CA LEU B 21 1.16 -2.82 14.64
C LEU B 21 0.79 -2.17 15.95
N ALA B 22 1.39 -2.68 17.04
CA ALA B 22 1.17 -2.17 18.39
C ALA B 22 1.22 -0.65 18.43
N GLU B 23 2.28 -0.07 17.87
CA GLU B 23 2.44 1.37 17.85
C GLU B 23 1.30 2.02 17.05
N LEU B 24 0.91 1.36 15.97
CA LEU B 24 -0.17 1.84 15.12
C LEU B 24 -1.54 1.65 15.77
N GLN B 25 -1.74 0.50 16.40
CA GLN B 25 -3.00 0.16 17.07
C GLN B 25 -3.25 1.01 18.30
N GLN B 26 -2.18 1.61 18.84
CA GLN B 26 -2.34 2.45 20.02
C GLN B 26 -2.46 3.93 19.65
N MSE B 27 -2.52 4.22 18.35
CA MSE B 27 -2.66 5.60 17.89
C MSE B 27 -4.11 6.09 18.09
O MSE B 27 -5.07 5.32 17.97
CB MSE B 27 -2.26 5.73 16.42
CG MSE B 27 -0.77 5.53 16.16
SE MSE B 27 -0.28 5.83 14.43
CE MSE B 27 -0.82 7.58 14.22
N LYS B 28 -4.25 7.38 18.38
CA LYS B 28 -5.57 7.98 18.60
C LYS B 28 -6.61 7.69 17.53
N LEU B 29 -6.33 8.10 16.30
CA LEU B 29 -7.30 7.89 15.23
C LEU B 29 -7.82 6.46 15.14
N PHE B 30 -6.97 5.49 15.48
CA PHE B 30 -7.38 4.10 15.44
C PHE B 30 -8.25 3.79 16.67
N LEU B 31 -7.82 4.26 17.84
CA LEU B 31 -8.57 4.03 19.07
C LEU B 31 -9.99 4.59 19.09
N LYS B 32 -10.25 5.66 18.35
CA LYS B 32 -11.61 6.20 18.33
C LYS B 32 -12.47 5.35 17.39
N LEU B 33 -11.84 4.82 16.34
CA LEU B 33 -12.56 3.98 15.39
C LEU B 33 -13.10 2.77 16.15
N LEU B 34 -12.23 2.17 16.95
CA LEU B 34 -12.64 1.00 17.71
C LEU B 34 -13.79 1.37 18.64
N LYS B 35 -13.73 2.56 19.23
CA LYS B 35 -14.81 2.95 20.11
C LYS B 35 -16.04 3.21 19.29
N LYS B 36 -15.85 3.76 18.10
CA LYS B 36 -17.00 4.00 17.22
C LYS B 36 -17.67 2.65 16.95
N GLN B 37 -16.87 1.72 16.45
CA GLN B 37 -17.31 0.36 16.13
C GLN B 37 -18.05 -0.33 17.28
N GLU B 38 -17.60 -0.14 18.51
CA GLU B 38 -18.26 -0.75 19.65
C GLU B 38 -19.65 -0.12 19.82
N LYS B 39 -19.74 1.19 19.59
CA LYS B 39 -21.05 1.85 19.68
C LYS B 39 -21.97 1.23 18.64
N GLU B 40 -21.45 0.99 17.45
CA GLU B 40 -22.27 0.37 16.42
C GLU B 40 -22.80 -0.99 16.87
N LEU B 41 -21.97 -1.79 17.53
CA LEU B 41 -22.41 -3.10 17.99
C LEU B 41 -23.46 -2.98 19.10
N LYS B 42 -23.29 -2.04 20.01
CA LYS B 42 -24.29 -1.89 21.07
C LYS B 42 -25.64 -1.48 20.47
N GLU B 43 -25.64 -0.63 19.45
CA GLU B 43 -26.90 -0.20 18.82
C GLU B 43 -27.67 -1.36 18.23
N LEU B 44 -26.98 -2.20 17.47
CA LEU B 44 -27.56 -3.38 16.84
C LEU B 44 -28.14 -4.27 17.92
N GLU B 45 -27.44 -4.41 19.03
CA GLU B 45 -27.99 -5.23 20.10
C GLU B 45 -29.32 -4.63 20.61
N ARG B 46 -29.34 -3.33 20.91
CA ARG B 46 -30.58 -2.72 21.37
C ARG B 46 -31.69 -2.91 20.33
N LYS B 47 -31.41 -2.57 19.08
CA LYS B 47 -32.40 -2.76 18.03
C LYS B 47 -32.85 -4.20 18.00
N GLY B 48 -31.91 -5.13 18.15
CA GLY B 48 -32.30 -6.54 18.14
C GLY B 48 -33.25 -6.84 19.28
N SER B 49 -32.83 -6.47 20.48
CA SER B 49 -33.63 -6.68 21.66
C SER B 49 -35.03 -6.06 21.53
N LYS B 50 -35.10 -4.83 21.02
CA LYS B 50 -36.41 -4.19 20.88
C LYS B 50 -37.25 -4.97 19.88
N ARG B 51 -36.60 -5.46 18.82
CA ARG B 51 -37.33 -6.18 17.78
C ARG B 51 -37.97 -7.46 18.32
N ARG B 52 -37.25 -8.20 19.17
CA ARG B 52 -37.78 -9.45 19.76
C ARG B 52 -39.03 -9.15 20.55
N GLU B 53 -38.97 -8.08 21.33
CA GLU B 53 -40.09 -7.61 22.15
C GLU B 53 -41.24 -7.22 21.22
N GLU B 54 -40.93 -6.53 20.14
CA GLU B 54 -41.98 -6.11 19.21
C GLU B 54 -42.65 -7.37 18.61
N LEU B 55 -41.85 -8.40 18.34
CA LEU B 55 -42.40 -9.63 17.77
C LEU B 55 -43.31 -10.30 18.79
N LEU B 56 -42.85 -10.36 20.04
CA LEU B 56 -43.67 -10.95 21.09
C LEU B 56 -44.95 -10.11 21.25
N GLN B 57 -44.77 -8.80 21.37
CA GLN B 57 -45.94 -7.92 21.53
C GLN B 57 -46.97 -8.18 20.43
N LYS B 58 -46.50 -8.47 19.22
CA LYS B 58 -47.39 -8.75 18.11
C LYS B 58 -48.29 -9.95 18.40
N TYR B 59 -47.73 -11.00 18.98
CA TYR B 59 -48.57 -12.16 19.30
C TYR B 59 -49.47 -11.93 20.51
N SER B 60 -49.02 -11.11 21.46
CA SER B 60 -49.84 -10.78 22.64
C SER B 60 -51.18 -10.31 22.07
N VAL B 61 -51.11 -9.73 20.89
CA VAL B 61 -52.30 -9.25 20.23
C VAL B 61 -53.09 -10.42 19.63
N LEU B 62 -52.40 -11.25 18.85
CA LEU B 62 -53.03 -12.38 18.18
C LEU B 62 -53.67 -13.36 19.14
N PHE B 63 -52.97 -13.74 20.19
CA PHE B 63 -53.52 -14.69 21.17
C PHE B 63 -54.77 -14.19 21.88
N LEU B 64 -55.16 -12.94 21.65
CA LEU B 64 -56.37 -12.41 22.30
C LEU B 64 -57.51 -12.36 21.32
N GLU B 65 -57.20 -12.51 20.04
CA GLU B 65 -58.24 -12.48 19.04
C GLU B 65 -59.02 -13.78 19.07
N PRO B 66 -60.33 -13.71 18.80
CA PRO B 66 -61.23 -14.87 18.78
C PRO B 66 -60.89 -15.82 17.63
N VAL B 67 -60.97 -17.12 17.91
CA VAL B 67 -60.71 -18.14 16.90
C VAL B 67 -62.02 -18.80 16.53
N TYR B 68 -62.28 -18.93 15.23
CA TYR B 68 -63.49 -19.56 14.77
C TYR B 68 -63.22 -21.06 14.62
N PRO B 69 -64.03 -21.89 15.27
CA PRO B 69 -64.00 -23.36 15.34
C PRO B 69 -63.78 -24.19 14.07
N ARG B 70 -63.14 -25.34 14.28
CA ARG B 70 -62.84 -26.31 13.24
C ARG B 70 -62.40 -27.59 13.96
N GLY B 71 -62.05 -28.62 13.18
CA GLY B 71 -61.55 -29.85 13.77
C GLY B 71 -60.07 -29.57 13.93
N LEU B 72 -59.40 -30.19 14.90
CA LEU B 72 -57.96 -29.90 15.07
C LEU B 72 -57.91 -28.41 15.38
N ASP B 73 -59.01 -27.90 15.92
CA ASP B 73 -59.15 -26.48 16.24
C ASP B 73 -58.08 -25.91 17.17
N SER B 74 -57.05 -26.69 17.46
CA SER B 74 -56.00 -26.17 18.33
C SER B 74 -55.12 -25.26 17.47
N GLN B 75 -55.75 -24.44 16.65
CA GLN B 75 -55.02 -23.52 15.80
C GLN B 75 -54.49 -22.38 16.66
N VAL B 76 -54.36 -22.68 17.95
CA VAL B 76 -53.84 -21.77 18.95
C VAL B 76 -52.41 -22.25 19.16
N VAL B 77 -52.21 -23.55 18.99
CA VAL B 77 -50.89 -24.14 19.12
C VAL B 77 -50.18 -23.76 17.83
N GLU B 78 -50.98 -23.58 16.77
CA GLU B 78 -50.44 -23.19 15.47
C GLU B 78 -49.67 -21.90 15.70
N LEU B 79 -50.38 -20.86 16.15
CA LEU B 79 -49.76 -19.57 16.43
C LEU B 79 -48.48 -19.74 17.23
N LYS B 80 -48.52 -20.64 18.21
CA LYS B 80 -47.37 -20.93 19.03
C LYS B 80 -46.20 -21.31 18.12
N GLU B 81 -46.42 -22.30 17.26
CA GLU B 81 -45.39 -22.75 16.33
C GLU B 81 -44.90 -21.61 15.43
N ARG B 82 -45.84 -20.83 14.93
CA ARG B 82 -45.52 -19.71 14.06
C ARG B 82 -44.63 -18.69 14.80
N LEU B 83 -44.96 -18.41 16.07
CA LEU B 83 -44.15 -17.49 16.88
C LEU B 83 -42.74 -18.08 17.02
N GLU B 84 -42.67 -19.33 17.45
CA GLU B 84 -41.37 -20.00 17.61
C GLU B 84 -40.51 -19.83 16.36
N MSE B 85 -41.10 -20.08 15.20
CA MSE B 85 -40.35 -19.95 13.96
C MSE B 85 -39.92 -18.53 13.64
O MSE B 85 -38.83 -18.31 13.10
CB MSE B 85 -41.16 -20.52 12.78
CG MSE B 85 -40.34 -20.63 11.50
SE MSE B 85 -38.77 -21.55 11.80
CE MSE B 85 -39.43 -23.13 12.57
N GLU B 86 -40.74 -17.54 13.98
CA GLU B 86 -40.35 -16.15 13.70
C GLU B 86 -39.19 -15.74 14.59
N LEU B 87 -39.20 -16.23 15.83
CA LEU B 87 -38.11 -15.91 16.74
C LEU B 87 -36.85 -16.52 16.19
N ILE B 88 -36.95 -17.75 15.66
CA ILE B 88 -35.78 -18.41 15.07
C ILE B 88 -35.33 -17.53 13.90
N HIS B 89 -36.27 -17.21 13.02
CA HIS B 89 -35.95 -16.35 11.89
C HIS B 89 -35.25 -15.05 12.34
N LEU B 90 -35.78 -14.42 13.38
CA LEU B 90 -35.17 -13.20 13.90
C LEU B 90 -33.82 -13.53 14.51
N GLY B 91 -33.74 -14.63 15.24
CA GLY B 91 -32.48 -15.02 15.85
C GLY B 91 -31.41 -15.14 14.78
N GLU B 92 -31.73 -15.80 13.67
CA GLU B 92 -30.80 -15.98 12.55
C GLU B 92 -30.35 -14.59 12.09
N GLU B 93 -31.29 -13.86 11.47
CA GLU B 93 -31.07 -12.52 10.94
C GLU B 93 -30.22 -11.69 11.89
N TYR B 94 -30.61 -11.70 13.16
CA TYR B 94 -29.87 -10.95 14.15
C TYR B 94 -28.36 -11.27 14.12
N HIS B 95 -28.00 -12.49 14.52
CA HIS B 95 -26.59 -12.90 14.56
C HIS B 95 -25.89 -12.81 13.21
N ASP B 96 -26.60 -13.04 12.11
CA ASP B 96 -25.90 -12.87 10.82
C ASP B 96 -25.47 -11.39 10.69
N GLY B 97 -26.38 -10.48 11.02
CA GLY B 97 -26.11 -9.04 10.96
C GLY B 97 -24.87 -8.66 11.75
N ILE B 98 -24.82 -9.09 13.01
CA ILE B 98 -23.68 -8.82 13.89
C ILE B 98 -22.45 -9.36 13.17
N ARG B 99 -22.62 -10.55 12.60
CA ARG B 99 -21.56 -11.23 11.88
C ARG B 99 -21.06 -10.34 10.74
N ARG B 100 -21.98 -9.86 9.91
CA ARG B 100 -21.57 -9.00 8.81
C ARG B 100 -20.98 -7.70 9.33
N ARG B 101 -21.54 -7.17 10.42
CA ARG B 101 -21.00 -5.93 10.95
C ARG B 101 -19.55 -6.11 11.40
N LYS B 102 -19.27 -7.20 12.13
CA LYS B 102 -17.89 -7.46 12.61
C LYS B 102 -16.93 -7.55 11.44
N GLU B 103 -17.39 -8.21 10.38
CA GLU B 103 -16.52 -8.38 9.20
C GLU B 103 -16.25 -7.03 8.57
N GLN B 104 -17.24 -6.15 8.61
CA GLN B 104 -17.09 -4.82 8.07
C GLN B 104 -16.07 -4.08 8.96
N HIS B 105 -16.28 -4.12 10.27
CA HIS B 105 -15.35 -3.46 11.17
C HIS B 105 -13.90 -3.86 10.83
N ALA B 106 -13.68 -5.16 10.68
CA ALA B 106 -12.34 -5.67 10.35
C ALA B 106 -11.79 -4.96 9.10
N THR B 107 -12.65 -4.79 8.10
CA THR B 107 -12.25 -4.13 6.86
C THR B 107 -11.81 -2.70 7.14
N GLU B 108 -12.65 -1.96 7.88
CA GLU B 108 -12.38 -0.56 8.24
C GLU B 108 -11.08 -0.45 9.03
N GLN B 109 -10.87 -1.36 9.99
CA GLN B 109 -9.66 -1.33 10.82
C GLN B 109 -8.42 -1.50 9.95
N THR B 110 -8.52 -2.34 8.92
CA THR B 110 -7.38 -2.51 8.01
C THR B 110 -7.12 -1.24 7.21
N ALA B 111 -8.19 -0.65 6.69
CA ALA B 111 -8.12 0.57 5.93
C ALA B 111 -7.44 1.65 6.77
N LYS B 112 -8.03 1.90 7.93
CA LYS B 112 -7.51 2.91 8.83
C LYS B 112 -6.06 2.66 9.16
N ILE B 113 -5.77 1.46 9.65
CA ILE B 113 -4.41 1.13 10.02
C ILE B 113 -3.47 1.17 8.82
N THR B 114 -3.93 0.75 7.66
CA THR B 114 -3.06 0.78 6.48
C THR B 114 -2.70 2.21 6.13
N GLU B 115 -3.66 3.11 6.32
CA GLU B 115 -3.49 4.52 6.04
C GLU B 115 -2.46 5.13 7.00
N LEU B 116 -2.69 4.91 8.29
CA LEU B 116 -1.80 5.43 9.31
C LEU B 116 -0.37 4.94 9.11
N ALA B 117 -0.22 3.76 8.56
CA ALA B 117 1.11 3.21 8.34
C ALA B 117 1.75 3.72 7.06
N ARG B 118 0.94 3.93 6.03
CA ARG B 118 1.45 4.40 4.75
C ARG B 118 1.97 5.82 4.90
N GLU B 119 1.39 6.54 5.85
CA GLU B 119 1.78 7.92 6.13
C GLU B 119 3.18 7.94 6.72
N LYS B 120 3.38 7.18 7.79
CA LYS B 120 4.70 7.12 8.43
C LYS B 120 5.73 6.61 7.44
N GLN B 121 5.37 5.58 6.68
CA GLN B 121 6.25 4.98 5.70
C GLN B 121 6.77 5.93 4.64
N ILE B 122 5.98 6.92 4.26
CA ILE B 122 6.42 7.89 3.25
C ILE B 122 7.58 8.67 3.86
N ALA B 123 7.40 9.08 5.11
CA ALA B 123 8.41 9.83 5.84
C ALA B 123 9.67 8.99 5.97
N GLU B 124 9.52 7.75 6.38
CA GLU B 124 10.66 6.84 6.50
C GLU B 124 11.47 6.85 5.22
N LEU B 125 10.79 6.64 4.09
CA LEU B 125 11.44 6.62 2.78
C LEU B 125 12.09 7.93 2.38
N LYS B 126 11.37 9.03 2.63
CA LYS B 126 11.86 10.36 2.29
C LYS B 126 13.06 10.68 3.16
N ALA B 127 12.94 10.32 4.44
CA ALA B 127 14.02 10.54 5.39
C ALA B 127 15.28 9.85 4.89
N LEU B 128 15.12 8.62 4.40
CA LEU B 128 16.24 7.83 3.89
C LEU B 128 16.89 8.51 2.69
N LYS B 129 16.07 8.88 1.71
CA LYS B 129 16.56 9.52 0.50
C LYS B 129 17.37 10.79 0.81
N GLU B 130 16.78 11.70 1.58
CA GLU B 130 17.46 12.94 1.95
C GLU B 130 18.79 12.69 2.66
N SER B 131 18.83 11.67 3.52
CA SER B 131 20.05 11.30 4.22
C SER B 131 21.08 10.87 3.20
N SER B 132 20.61 10.19 2.16
CA SER B 132 21.47 9.70 1.10
C SER B 132 22.10 10.86 0.32
N GLU B 133 21.29 11.89 0.02
CA GLU B 133 21.80 13.03 -0.72
C GLU B 133 22.77 13.89 0.08
N SER B 134 22.40 14.19 1.32
CA SER B 134 23.27 14.99 2.17
C SER B 134 24.65 14.38 2.23
N ASN B 135 24.72 13.07 2.46
CA ASN B 135 26.02 12.40 2.49
C ASN B 135 26.77 12.76 1.23
N ILE B 136 26.22 12.37 0.09
CA ILE B 136 26.81 12.66 -1.21
C ILE B 136 27.41 14.07 -1.20
N LYS B 137 26.56 15.07 -0.97
CA LYS B 137 26.99 16.47 -0.93
C LYS B 137 28.20 16.70 -0.03
N ASP B 138 28.07 16.29 1.22
CA ASP B 138 29.14 16.46 2.19
C ASP B 138 30.31 15.51 1.95
N ILE B 139 30.15 14.57 1.03
CA ILE B 139 31.23 13.65 0.72
C ILE B 139 32.03 14.26 -0.41
N LYS B 140 31.34 14.97 -1.30
CA LYS B 140 32.03 15.59 -2.42
C LYS B 140 32.76 16.85 -1.95
N LYS B 141 32.30 17.45 -0.86
CA LYS B 141 32.96 18.63 -0.33
C LYS B 141 34.28 18.27 0.34
N LYS B 142 34.29 17.16 1.08
CA LYS B 142 35.50 16.71 1.76
C LYS B 142 36.53 16.22 0.74
N LEU B 143 36.03 15.71 -0.39
CA LEU B 143 36.87 15.17 -1.46
C LEU B 143 37.52 16.24 -2.32
N GLU B 144 36.76 17.29 -2.61
CA GLU B 144 37.25 18.36 -3.45
C GLU B 144 38.13 19.24 -2.56
N ALA B 145 37.71 19.43 -1.31
CA ALA B 145 38.48 20.22 -0.37
C ALA B 145 39.87 19.62 -0.29
N LYS B 146 39.93 18.29 -0.32
CA LYS B 146 41.20 17.58 -0.29
C LYS B 146 41.94 17.87 -1.60
N ARG B 147 41.19 17.99 -2.68
CA ARG B 147 41.80 18.27 -3.97
C ARG B 147 42.67 19.52 -3.84
N LEU B 148 42.06 20.66 -3.51
CA LEU B 148 42.83 21.91 -3.37
C LEU B 148 44.05 21.73 -2.49
N ASP B 149 43.91 20.95 -1.44
CA ASP B 149 45.01 20.74 -0.49
C ASP B 149 46.14 19.86 -1.01
N ARG B 150 45.82 18.81 -1.76
CA ARG B 150 46.87 17.95 -2.31
C ARG B 150 47.62 18.72 -3.39
N ILE B 151 47.03 19.84 -3.82
CA ILE B 151 47.61 20.70 -4.83
C ILE B 151 48.41 21.81 -4.16
N GLN B 152 47.77 22.59 -3.30
CA GLN B 152 48.44 23.67 -2.59
C GLN B 152 49.74 23.16 -1.98
N VAL B 153 49.70 21.94 -1.48
CA VAL B 153 50.87 21.30 -0.88
C VAL B 153 51.87 20.88 -1.96
N MSE B 154 51.37 20.17 -2.96
CA MSE B 154 52.21 19.71 -4.05
C MSE B 154 52.97 20.87 -4.69
O MSE B 154 54.13 20.73 -5.05
CB MSE B 154 51.34 18.97 -5.08
CG MSE B 154 52.08 18.42 -6.31
SE MSE B 154 52.49 19.67 -7.56
CE MSE B 154 50.85 20.23 -8.06
N MSE B 155 52.30 22.01 -4.84
CA MSE B 155 52.92 23.20 -5.41
C MSE B 155 54.00 23.69 -4.46
O MSE B 155 55.15 23.92 -4.83
CB MSE B 155 51.90 24.32 -5.59
CG MSE B 155 50.81 24.02 -6.60
SE MSE B 155 51.46 23.91 -8.27
CE MSE B 155 52.13 25.57 -8.49
N ARG B 156 53.60 23.83 -3.20
CA ARG B 156 54.48 24.28 -2.12
C ARG B 156 55.76 23.45 -2.06
N SER B 157 55.90 22.46 -2.94
CA SER B 157 57.09 21.61 -2.95
C SER B 157 57.59 21.19 -4.33
N THR B 158 57.51 22.09 -5.30
CA THR B 158 57.98 21.77 -6.65
C THR B 158 57.82 22.93 -7.63
N SER B 159 58.76 23.05 -8.56
CA SER B 159 58.73 24.10 -9.56
C SER B 159 59.34 23.62 -10.88
N ASP B 160 58.51 23.01 -11.71
CA ASP B 160 58.91 22.49 -13.01
C ASP B 160 57.60 22.39 -13.77
N LYS B 161 57.20 23.49 -14.38
CA LYS B 161 55.94 23.60 -15.13
C LYS B 161 55.46 22.29 -15.74
N ALA B 162 56.38 21.40 -16.11
CA ALA B 162 56.03 20.12 -16.69
C ALA B 162 55.58 19.12 -15.62
N ALA B 163 56.48 18.79 -14.70
CA ALA B 163 56.18 17.84 -13.63
C ALA B 163 55.15 18.43 -12.67
N GLN B 164 55.26 19.73 -12.43
CA GLN B 164 54.35 20.43 -11.53
C GLN B 164 52.91 20.21 -11.99
N GLU B 165 52.70 20.29 -13.31
CA GLU B 165 51.38 20.11 -13.89
C GLU B 165 50.97 18.66 -14.10
N ARG B 166 51.94 17.80 -14.42
CA ARG B 166 51.63 16.39 -14.64
C ARG B 166 50.91 15.86 -13.42
N LEU B 167 51.25 16.42 -12.26
CA LEU B 167 50.64 16.00 -11.01
C LEU B 167 49.27 16.64 -10.85
N LYS B 168 49.17 17.93 -11.15
CA LYS B 168 47.89 18.62 -11.05
C LYS B 168 46.88 17.84 -11.89
N LYS B 169 47.39 17.21 -12.94
CA LYS B 169 46.59 16.39 -13.86
C LYS B 169 46.30 15.04 -13.24
N GLU B 170 47.30 14.51 -12.55
CA GLU B 170 47.22 13.22 -11.89
C GLU B 170 46.45 13.31 -10.57
N ILE B 171 46.20 14.54 -10.11
CA ILE B 171 45.46 14.75 -8.87
C ILE B 171 43.99 15.02 -9.16
N ASN B 172 43.71 15.77 -10.22
CA ASN B 172 42.34 16.04 -10.58
C ASN B 172 41.78 14.76 -11.19
N ASN B 173 42.65 13.74 -11.23
CA ASN B 173 42.32 12.41 -11.74
C ASN B 173 41.84 11.56 -10.57
N SER B 174 42.46 11.75 -9.41
CA SER B 174 42.07 10.99 -8.24
C SER B 174 40.65 11.42 -7.91
N HIS B 175 40.49 12.72 -7.70
CA HIS B 175 39.20 13.31 -7.37
C HIS B 175 38.09 12.73 -8.24
N ILE B 176 38.14 13.05 -9.53
CA ILE B 176 37.15 12.58 -10.48
C ILE B 176 36.88 11.09 -10.33
N GLN B 177 37.87 10.34 -9.86
CA GLN B 177 37.74 8.90 -9.72
C GLN B 177 37.23 8.40 -8.37
N GLU B 178 37.63 9.03 -7.27
CA GLU B 178 37.16 8.54 -5.98
C GLU B 178 35.76 9.03 -5.67
N VAL B 179 35.29 10.04 -6.40
CA VAL B 179 33.94 10.55 -6.20
C VAL B 179 32.97 9.58 -6.88
N VAL B 180 33.36 9.09 -8.05
CA VAL B 180 32.53 8.13 -8.77
C VAL B 180 32.48 6.86 -7.95
N GLN B 181 33.55 6.59 -7.21
CA GLN B 181 33.64 5.40 -6.38
C GLN B 181 32.75 5.53 -5.14
N THR B 182 33.04 6.49 -4.29
CA THR B 182 32.25 6.67 -3.07
C THR B 182 30.77 6.90 -3.35
N ILE B 183 30.44 7.42 -4.53
CA ILE B 183 29.05 7.68 -4.87
C ILE B 183 28.35 6.39 -5.26
N LYS B 184 29.08 5.49 -5.89
CA LYS B 184 28.53 4.19 -6.30
C LYS B 184 28.20 3.40 -5.03
N LEU B 185 29.24 3.04 -4.29
CA LEU B 185 29.09 2.28 -3.06
C LEU B 185 28.03 2.87 -2.15
N LEU B 186 27.95 4.19 -2.09
CA LEU B 186 26.95 4.83 -1.25
C LEU B 186 25.58 4.59 -1.88
N THR B 187 25.52 4.72 -3.20
CA THR B 187 24.26 4.48 -3.89
C THR B 187 23.85 3.02 -3.66
N GLU B 188 24.72 2.09 -4.02
CA GLU B 188 24.45 0.67 -3.84
C GLU B 188 23.87 0.42 -2.47
N LYS B 189 24.52 1.00 -1.46
CA LYS B 189 24.10 0.85 -0.08
C LYS B 189 22.71 1.42 0.17
N THR B 190 22.50 2.70 -0.15
CA THR B 190 21.19 3.32 0.06
C THR B 190 20.10 2.42 -0.54
N ALA B 191 20.48 1.69 -1.59
CA ALA B 191 19.56 0.79 -2.26
C ALA B 191 19.24 -0.45 -1.41
N ARG B 192 20.23 -0.89 -0.63
CA ARG B 192 20.04 -2.06 0.25
C ARG B 192 19.03 -1.63 1.30
N TYR B 193 19.20 -0.41 1.79
CA TYR B 193 18.33 0.13 2.83
C TYR B 193 16.91 0.37 2.38
N GLN B 194 16.74 0.94 1.19
CA GLN B 194 15.38 1.21 0.73
C GLN B 194 14.61 -0.09 0.66
N GLN B 195 15.29 -1.12 0.17
CA GLN B 195 14.71 -2.45 0.02
C GLN B 195 14.36 -3.09 1.36
N LYS B 196 15.24 -2.94 2.34
CA LYS B 196 14.97 -3.51 3.65
C LYS B 196 13.70 -2.81 4.13
N LEU B 197 13.69 -1.49 3.97
CA LEU B 197 12.59 -0.65 4.38
C LEU B 197 11.26 -1.05 3.74
N GLU B 198 11.28 -1.31 2.44
CA GLU B 198 10.07 -1.72 1.74
C GLU B 198 9.62 -3.08 2.27
N GLU B 199 10.56 -4.01 2.41
CA GLU B 199 10.25 -5.34 2.91
C GLU B 199 9.62 -5.26 4.30
N LYS B 200 10.23 -4.50 5.20
CA LYS B 200 9.68 -4.36 6.55
C LYS B 200 8.22 -3.91 6.44
N GLN B 201 7.95 -2.99 5.53
CA GLN B 201 6.60 -2.49 5.36
C GLN B 201 5.68 -3.56 4.77
N ALA B 202 6.18 -4.36 3.83
CA ALA B 202 5.37 -5.42 3.24
C ALA B 202 4.95 -6.43 4.31
N GLU B 203 5.89 -6.77 5.19
CA GLU B 203 5.65 -7.69 6.29
C GLU B 203 4.56 -7.07 7.16
N ASN B 204 4.76 -5.80 7.46
CA ASN B 204 3.84 -5.03 8.28
C ASN B 204 2.41 -5.17 7.76
N LEU B 205 2.26 -5.09 6.44
CA LEU B 205 0.96 -5.22 5.79
C LEU B 205 0.41 -6.63 6.01
N ARG B 206 1.28 -7.63 5.85
CA ARG B 206 0.89 -9.02 6.00
C ARG B 206 0.29 -9.28 7.39
N ALA B 207 0.91 -8.70 8.40
CA ALA B 207 0.43 -8.85 9.77
C ALA B 207 -0.94 -8.18 9.89
N ILE B 208 -1.07 -7.01 9.28
CA ILE B 208 -2.35 -6.27 9.30
C ILE B 208 -3.41 -7.18 8.71
N GLN B 209 -3.07 -7.80 7.58
CA GLN B 209 -4.00 -8.67 6.89
C GLN B 209 -4.25 -9.94 7.71
N GLU B 210 -3.25 -10.42 8.43
CA GLU B 210 -3.45 -11.62 9.24
C GLU B 210 -4.42 -11.34 10.40
N LYS B 211 -4.37 -10.10 10.92
CA LYS B 211 -5.25 -9.69 12.02
C LYS B 211 -6.69 -9.67 11.53
N GLU B 212 -6.90 -9.11 10.35
CA GLU B 212 -8.23 -9.04 9.77
C GLU B 212 -8.81 -10.46 9.68
N GLY B 213 -8.00 -11.39 9.16
CA GLY B 213 -8.42 -12.77 9.02
C GLY B 213 -8.95 -13.34 10.32
N GLN B 214 -8.18 -13.16 11.40
CA GLN B 214 -8.59 -13.64 12.70
C GLN B 214 -9.93 -13.02 13.09
N LEU B 215 -10.08 -11.73 12.86
CA LEU B 215 -11.32 -11.02 13.20
C LEU B 215 -12.46 -11.64 12.38
N GLN B 216 -12.24 -11.83 11.08
CA GLN B 216 -13.24 -12.46 10.23
C GLN B 216 -13.58 -13.85 10.81
N GLN B 217 -12.54 -14.57 11.19
CA GLN B 217 -12.73 -15.89 11.75
C GLN B 217 -13.48 -15.82 13.09
N GLU B 218 -13.14 -14.87 13.96
CA GLU B 218 -13.89 -14.75 15.23
C GLU B 218 -15.35 -14.36 14.97
N ALA B 219 -15.61 -13.59 13.91
CA ALA B 219 -17.00 -13.22 13.66
C ALA B 219 -17.80 -14.44 13.25
N VAL B 220 -17.18 -15.37 12.52
CA VAL B 220 -17.96 -16.53 12.10
C VAL B 220 -18.15 -17.55 13.24
N ALA B 221 -17.13 -17.70 14.10
CA ALA B 221 -17.23 -18.63 15.21
C ALA B 221 -18.36 -18.17 16.12
N GLU B 222 -18.32 -16.90 16.52
CA GLU B 222 -19.38 -16.39 17.39
C GLU B 222 -20.72 -16.66 16.74
N TYR B 223 -20.82 -16.35 15.44
CA TYR B 223 -22.07 -16.58 14.72
C TYR B 223 -22.56 -18.01 14.92
N GLU B 224 -21.65 -18.96 14.71
CA GLU B 224 -21.99 -20.37 14.88
C GLU B 224 -22.35 -20.63 16.33
N GLU B 225 -21.47 -20.20 17.22
CA GLU B 225 -21.66 -20.40 18.64
C GLU B 225 -23.04 -19.94 19.09
N LYS B 226 -23.61 -18.94 18.41
CA LYS B 226 -24.93 -18.45 18.80
C LYS B 226 -26.04 -19.32 18.24
N LEU B 227 -25.90 -19.75 16.99
CA LEU B 227 -26.95 -20.58 16.40
C LEU B 227 -26.97 -21.96 16.99
N LYS B 228 -25.91 -22.32 17.70
CA LYS B 228 -25.85 -23.62 18.33
C LYS B 228 -27.05 -23.73 19.27
N THR B 229 -27.15 -22.78 20.20
CA THR B 229 -28.22 -22.77 21.19
C THR B 229 -29.49 -22.00 20.88
N LEU B 230 -29.58 -21.39 19.70
CA LEU B 230 -30.76 -20.59 19.36
C LEU B 230 -32.11 -21.32 19.49
N THR B 231 -32.28 -22.39 18.74
CA THR B 231 -33.52 -23.16 18.77
C THR B 231 -34.01 -23.51 20.17
N VAL B 232 -33.07 -23.77 21.08
CA VAL B 232 -33.41 -24.13 22.45
C VAL B 232 -33.73 -22.91 23.31
N GLU B 233 -33.00 -21.82 23.10
CA GLU B 233 -33.24 -20.60 23.85
C GLU B 233 -34.65 -20.13 23.49
N VAL B 234 -35.03 -20.35 22.23
CA VAL B 234 -36.37 -19.99 21.75
C VAL B 234 -37.42 -20.92 22.33
N GLN B 235 -37.08 -22.19 22.45
CA GLN B 235 -38.00 -23.18 23.02
C GLN B 235 -38.37 -22.72 24.41
N GLU B 236 -37.34 -22.42 25.20
CA GLU B 236 -37.49 -22.01 26.59
C GLU B 236 -38.22 -20.69 26.78
N MSE B 237 -37.93 -19.71 25.94
CA MSE B 237 -38.57 -18.42 26.13
C MSE B 237 -40.05 -18.47 25.75
O MSE B 237 -40.88 -17.88 26.43
CB MSE B 237 -37.82 -17.33 25.35
CG MSE B 237 -38.38 -15.96 25.61
SE MSE B 237 -39.34 -15.39 24.20
CE MSE B 237 -38.00 -14.85 23.09
N VAL B 238 -40.37 -19.21 24.69
CA VAL B 238 -41.75 -19.34 24.24
C VAL B 238 -42.59 -20.10 25.27
N LYS B 239 -41.93 -20.93 26.09
CA LYS B 239 -42.61 -21.69 27.12
C LYS B 239 -43.03 -20.71 28.23
N ASN B 240 -42.11 -19.85 28.64
CA ASN B 240 -42.40 -18.85 29.65
C ASN B 240 -43.39 -17.82 29.12
N TYR B 241 -43.19 -17.43 27.86
CA TYR B 241 -44.07 -16.45 27.25
C TYR B 241 -45.52 -16.90 27.33
N MSE B 242 -45.78 -18.14 26.92
CA MSE B 242 -47.13 -18.69 26.95
C MSE B 242 -47.85 -18.65 28.29
O MSE B 242 -49.05 -18.45 28.36
CB MSE B 242 -47.13 -20.14 26.45
CG MSE B 242 -46.75 -20.28 25.01
SE MSE B 242 -47.85 -19.26 24.05
CE MSE B 242 -47.37 -19.72 22.39
N LYS B 243 -47.08 -18.87 29.35
CA LYS B 243 -47.66 -18.87 30.68
C LYS B 243 -48.18 -17.49 31.00
N GLU B 244 -47.46 -16.48 30.55
CA GLU B 244 -47.84 -15.09 30.80
C GLU B 244 -49.04 -14.70 29.93
N VAL B 245 -49.16 -15.35 28.77
CA VAL B 245 -50.24 -15.06 27.85
C VAL B 245 -51.57 -15.70 28.25
N PHE B 246 -51.53 -16.76 29.06
CA PHE B 246 -52.78 -17.41 29.46
C PHE B 246 -53.09 -17.53 30.95
N PRO B 247 -52.48 -18.51 31.66
CA PRO B 247 -52.79 -18.64 33.09
C PRO B 247 -52.70 -17.34 33.90
S SO4 C . -12.30 -23.64 -6.18
O1 SO4 C . -12.12 -24.99 -5.59
O2 SO4 C . -11.94 -23.66 -7.61
O3 SO4 C . -11.43 -22.69 -5.48
O4 SO4 C . -13.71 -23.24 -6.04
#